data_3ME2
#
_entry.id   3ME2
#
_cell.length_a   121.225
_cell.length_b   121.225
_cell.length_c   94.995
_cell.angle_alpha   90.00
_cell.angle_beta   90.00
_cell.angle_gamma   120.00
#
_symmetry.space_group_name_H-M   'P 63'
#
loop_
_entity.id
_entity.type
_entity.pdbx_description
1 polymer 'Tumor necrosis factor ligand superfamily member 11'
2 polymer 'Tumor necrosis factor receptor superfamily member 11A'
3 non-polymer 'CHLORIDE ION'
4 non-polymer 'SODIUM ION'
5 water water
#
loop_
_entity_poly.entity_id
_entity_poly.type
_entity_poly.pdbx_seq_one_letter_code
_entity_poly.pdbx_strand_id
1 'polypeptide(L)'
;GPLGSPEFPGRRKPEAQPFAHLTINAASIPSGSHKVTLSSWYHDRGWAKISNMTLSNGKLRVNQDGFYYLYANICFRHHE
TSGSVPTDYLQLMVYVVKTSIKIPSSHNLMKGGSTKNWSGNSEFHFYSINVGGFFKLRAGEEISIQVSNPSLLDPDQDAT
YFGAFKVQDID
;
A
2 'polypeptide(L)'
;MGSSHHHHHHSSGLVPRGSHMHMQVTLQVTPPCTQERHYEHLGRCCSRCEPGKYLSSKCTPTSDSVCLPCGPDEYLDTWN
EEDKCLLHKVCDAGKALVAVDPGNHTAPRRCACTAGYHWNSDCECCRRNTECAPGFGAQHPLQLNKDTVCTPCLLGFFSD
VFSSTDKCKPWTNCTLLGKLEAHQGTTESDVVCSSSMTLRRPPKEAQALEHHHHHH
;
R
#
loop_
_chem_comp.id
_chem_comp.type
_chem_comp.name
_chem_comp.formula
CL non-polymer 'CHLORIDE ION' 'Cl -1'
NA non-polymer 'SODIUM ION' 'Na 1'
#
# COMPACT_ATOMS: atom_id res chain seq x y z
N ALA A 16 14.66 29.96 -14.46
CA ALA A 16 14.26 28.82 -15.34
C ALA A 16 13.08 28.04 -14.74
N GLN A 17 12.07 27.77 -15.58
CA GLN A 17 10.87 27.03 -15.17
C GLN A 17 11.16 25.52 -15.08
N PRO A 18 10.80 24.90 -13.94
CA PRO A 18 11.14 23.51 -13.66
C PRO A 18 10.23 22.50 -14.33
N PHE A 19 10.79 21.35 -14.70
CA PHE A 19 10.05 20.23 -15.27
C PHE A 19 10.85 18.94 -15.22
N ALA A 20 10.18 17.82 -15.45
CA ALA A 20 10.82 16.51 -15.60
C ALA A 20 9.92 15.59 -16.40
N HIS A 21 10.51 14.87 -17.34
CA HIS A 21 9.84 13.76 -18.01
C HIS A 21 10.78 12.57 -17.92
N LEU A 22 10.41 11.59 -17.08
CA LEU A 22 11.31 10.49 -16.76
C LEU A 22 10.81 9.18 -17.31
N THR A 23 11.68 8.46 -18.02
CA THR A 23 11.30 7.18 -18.61
C THR A 23 12.00 6.04 -17.88
N ILE A 24 11.36 4.88 -17.85
CA ILE A 24 11.84 3.74 -17.07
C ILE A 24 13.24 3.28 -17.50
N ASN A 25 14.09 3.02 -16.50
CA ASN A 25 15.40 2.46 -16.77
C ASN A 25 15.25 0.98 -17.03
N ALA A 26 15.20 0.64 -18.31
CA ALA A 26 14.91 -0.70 -18.77
C ALA A 26 15.89 -1.75 -18.23
N ALA A 27 17.09 -1.32 -17.85
CA ALA A 27 18.10 -2.24 -17.36
C ALA A 27 18.07 -2.46 -15.83
N SER A 28 17.05 -1.91 -15.17
CA SER A 28 16.97 -1.99 -13.71
C SER A 28 15.55 -2.07 -13.16
N ILE A 29 14.65 -2.72 -13.92
CA ILE A 29 13.29 -2.98 -13.44
C ILE A 29 13.34 -4.16 -12.47
N PRO A 30 12.81 -3.98 -11.25
CA PRO A 30 12.86 -5.07 -10.27
C PRO A 30 12.00 -6.27 -10.68
N SER A 31 12.40 -7.46 -10.26
CA SER A 31 11.63 -8.67 -10.54
C SER A 31 10.64 -9.00 -9.40
N GLY A 32 9.80 -10.00 -9.63
CA GLY A 32 8.85 -10.44 -8.60
C GLY A 32 7.44 -9.94 -8.82
N SER A 33 6.56 -10.29 -7.89
CA SER A 33 5.14 -9.95 -8.01
C SER A 33 4.62 -9.13 -6.83
N HIS A 34 5.51 -8.73 -5.94
CA HIS A 34 5.13 -7.83 -4.86
C HIS A 34 5.27 -6.38 -5.29
N LYS A 35 4.42 -5.51 -4.73
CA LYS A 35 4.43 -4.08 -5.01
C LYS A 35 5.77 -3.48 -4.59
N VAL A 36 6.32 -2.62 -5.45
CA VAL A 36 7.60 -1.97 -5.18
C VAL A 36 7.58 -0.49 -5.57
N THR A 37 8.53 0.26 -5.04
CA THR A 37 8.80 1.60 -5.53
C THR A 37 9.84 1.49 -6.63
N LEU A 38 9.54 2.05 -7.79
CA LEU A 38 10.49 2.06 -8.89
C LEU A 38 11.59 3.04 -8.56
N SER A 39 12.82 2.56 -8.57
CA SER A 39 13.94 3.36 -8.10
C SER A 39 15.00 3.63 -9.19
N SER A 40 14.63 3.44 -10.45
CA SER A 40 15.54 3.71 -11.56
C SER A 40 14.81 4.19 -12.80
N TRP A 41 15.15 5.42 -13.19
CA TRP A 41 14.56 6.09 -14.34
C TRP A 41 15.66 6.80 -15.10
N TYR A 42 15.48 6.95 -16.42
CA TYR A 42 16.36 7.79 -17.23
C TYR A 42 15.96 9.24 -17.05
N HIS A 43 16.93 10.14 -17.10
CA HIS A 43 16.68 11.57 -16.98
C HIS A 43 17.28 12.39 -18.11
N ASP A 44 18.02 11.74 -19.01
CA ASP A 44 18.73 12.46 -20.07
C ASP A 44 18.54 11.88 -21.47
N ARG A 45 18.69 10.56 -21.62
CA ARG A 45 18.58 9.93 -22.94
C ARG A 45 17.15 9.89 -23.45
N GLY A 46 17.00 9.78 -24.77
CA GLY A 46 15.68 9.68 -25.41
C GLY A 46 14.81 10.88 -25.11
N TRP A 47 13.54 10.62 -24.78
CA TRP A 47 12.62 11.69 -24.40
C TRP A 47 12.79 12.10 -22.95
N ALA A 48 13.65 11.40 -22.21
CA ALA A 48 13.85 11.70 -20.79
C ALA A 48 14.62 13.01 -20.63
N LYS A 49 14.12 13.85 -19.73
CA LYS A 49 14.67 15.18 -19.51
C LYS A 49 14.30 15.70 -18.12
N ILE A 50 15.09 16.65 -17.63
CA ILE A 50 14.91 17.22 -16.31
C ILE A 50 15.53 18.61 -16.28
N SER A 51 14.89 19.52 -15.55
CA SER A 51 15.36 20.91 -15.50
C SER A 51 14.91 21.54 -14.20
N ASN A 52 15.89 22.03 -13.44
CA ASN A 52 15.65 22.66 -12.14
C ASN A 52 14.88 21.78 -11.14
N MET A 53 14.88 20.47 -11.39
CA MET A 53 14.45 19.48 -10.42
C MET A 53 15.59 18.47 -10.30
N THR A 54 15.64 17.74 -9.20
CA THR A 54 16.70 16.75 -9.01
C THR A 54 16.10 15.36 -8.83
N LEU A 55 16.83 14.35 -9.30
CA LEU A 55 16.35 12.98 -9.33
C LEU A 55 17.36 12.08 -8.66
N SER A 56 16.88 11.25 -7.74
CA SER A 56 17.73 10.37 -6.95
C SER A 56 17.00 9.07 -6.63
N ASN A 57 17.48 7.97 -7.18
CA ASN A 57 16.90 6.63 -6.98
C ASN A 57 15.38 6.59 -7.06
N GLY A 58 14.82 7.18 -8.10
CA GLY A 58 13.39 7.13 -8.31
C GLY A 58 12.59 8.15 -7.53
N LYS A 59 13.28 8.95 -6.72
CA LYS A 59 12.64 10.06 -6.05
C LYS A 59 12.97 11.37 -6.77
N LEU A 60 11.92 12.02 -7.29
CA LEU A 60 12.04 13.29 -7.96
C LEU A 60 11.87 14.43 -6.95
N ARG A 61 12.98 15.12 -6.63
CA ARG A 61 12.96 16.22 -5.65
C ARG A 61 12.54 17.54 -6.28
N VAL A 62 11.62 18.24 -5.62
CA VAL A 62 11.21 19.58 -6.02
C VAL A 62 12.21 20.60 -5.45
N ASN A 63 12.74 21.45 -6.31
CA ASN A 63 13.72 22.47 -5.90
C ASN A 63 13.13 23.86 -5.72
N GLN A 64 11.97 24.08 -6.35
CA GLN A 64 11.34 25.39 -6.39
C GLN A 64 9.84 25.24 -6.10
N ASP A 65 9.36 25.98 -5.10
CA ASP A 65 7.95 25.96 -4.71
C ASP A 65 7.05 26.31 -5.90
N GLY A 66 5.89 25.68 -5.97
CA GLY A 66 4.92 26.03 -7.00
C GLY A 66 3.82 25.00 -7.15
N PHE A 67 2.89 25.30 -8.06
CA PHE A 67 1.88 24.34 -8.48
C PHE A 67 2.37 23.63 -9.74
N TYR A 68 2.51 22.32 -9.64
CA TYR A 68 2.99 21.48 -10.74
C TYR A 68 1.85 20.60 -11.24
N TYR A 69 1.85 20.31 -12.53
CA TYR A 69 1.01 19.24 -13.04
C TYR A 69 1.83 17.97 -13.02
N LEU A 70 1.29 16.94 -12.37
CA LEU A 70 1.94 15.64 -12.26
C LEU A 70 1.22 14.62 -13.13
N TYR A 71 1.99 13.73 -13.76
CA TYR A 71 1.43 12.70 -14.62
C TYR A 71 2.28 11.43 -14.67
N ALA A 72 1.62 10.31 -14.94
CA ALA A 72 2.29 9.02 -15.15
C ALA A 72 1.54 8.17 -16.18
N ASN A 73 2.32 7.45 -16.98
CA ASN A 73 1.81 6.41 -17.88
C ASN A 73 2.58 5.12 -17.60
N ILE A 74 1.85 4.06 -17.25
CA ILE A 74 2.47 2.76 -16.95
C ILE A 74 1.87 1.64 -17.80
N CYS A 75 2.72 0.87 -18.46
CA CYS A 75 2.27 -0.25 -19.29
C CYS A 75 2.69 -1.61 -18.73
N PHE A 76 1.75 -2.54 -18.70
CA PHE A 76 2.02 -3.91 -18.30
C PHE A 76 1.84 -4.83 -19.49
N ARG A 77 2.68 -5.86 -19.56
CA ARG A 77 2.64 -6.81 -20.67
C ARG A 77 3.13 -8.20 -20.23
N HIS A 78 2.61 -9.23 -20.89
CA HIS A 78 3.07 -10.60 -20.67
C HIS A 78 2.97 -11.44 -21.94
N HIS A 79 4.03 -12.19 -22.25
CA HIS A 79 4.06 -13.09 -23.39
C HIS A 79 4.15 -14.55 -22.92
N GLU A 80 3.60 -15.47 -23.70
CA GLU A 80 3.50 -16.86 -23.25
C GLU A 80 4.86 -17.57 -23.12
N THR A 81 5.90 -17.00 -23.73
CA THR A 81 7.23 -17.60 -23.67
C THR A 81 7.89 -17.42 -22.31
N SER A 82 7.28 -16.61 -21.46
CA SER A 82 7.71 -16.45 -20.08
C SER A 82 7.05 -17.45 -19.14
N GLY A 83 6.21 -18.32 -19.70
CA GLY A 83 5.43 -19.27 -18.92
C GLY A 83 4.09 -18.68 -18.54
N SER A 84 3.29 -19.43 -17.78
CA SER A 84 1.97 -18.98 -17.34
C SER A 84 2.08 -17.93 -16.24
N VAL A 85 1.16 -16.97 -16.26
CA VAL A 85 1.10 -15.91 -15.25
C VAL A 85 0.64 -16.49 -13.90
N PRO A 86 1.55 -16.45 -12.89
CA PRO A 86 1.48 -17.13 -11.58
C PRO A 86 0.07 -17.54 -11.10
N THR A 87 -0.47 -16.80 -10.12
CA THR A 87 -1.81 -17.08 -9.59
C THR A 87 -2.87 -16.35 -10.43
N ASP A 88 -4.15 -16.69 -10.19
CA ASP A 88 -5.22 -15.93 -10.82
C ASP A 88 -5.98 -14.98 -9.88
N TYR A 89 -5.20 -14.21 -9.12
CA TYR A 89 -5.65 -12.89 -8.70
C TYR A 89 -4.64 -11.91 -9.28
N LEU A 90 -5.12 -11.06 -10.19
CA LEU A 90 -4.26 -10.13 -10.90
C LEU A 90 -4.85 -8.74 -10.87
N GLN A 91 -4.20 -7.83 -10.16
CA GLN A 91 -4.60 -6.43 -10.12
C GLN A 91 -3.43 -5.55 -10.49
N LEU A 92 -3.54 -4.86 -11.60
CA LEU A 92 -2.45 -4.04 -12.11
C LEU A 92 -2.65 -2.58 -11.70
N MET A 93 -1.73 -2.07 -10.88
CA MET A 93 -1.88 -0.77 -10.23
C MET A 93 -0.66 0.15 -10.33
N VAL A 94 -0.92 1.44 -10.45
CA VAL A 94 0.09 2.48 -10.24
C VAL A 94 -0.32 3.39 -9.06
N TYR A 95 0.67 3.81 -8.27
CA TYR A 95 0.45 4.83 -7.24
C TYR A 95 1.48 5.94 -7.41
N VAL A 96 1.01 7.18 -7.49
CA VAL A 96 1.92 8.32 -7.50
C VAL A 96 1.97 8.87 -6.08
N VAL A 97 3.15 8.80 -5.49
CA VAL A 97 3.32 8.97 -4.05
C VAL A 97 4.17 10.19 -3.73
N LYS A 98 3.82 10.91 -2.68
CA LYS A 98 4.61 12.04 -2.20
C LYS A 98 5.26 11.79 -0.85
N THR A 99 6.57 12.05 -0.76
CA THR A 99 7.33 12.04 0.51
C THR A 99 7.99 13.40 0.71
N SER A 100 8.73 13.52 1.81
CA SER A 100 9.46 14.74 2.13
C SER A 100 10.65 14.40 3.02
N ILE A 101 11.86 14.80 2.60
CA ILE A 101 13.07 14.65 3.43
C ILE A 101 12.77 15.04 4.90
N LYS A 102 11.84 15.99 5.05
CA LYS A 102 11.24 16.35 6.33
C LYS A 102 10.51 15.13 6.94
N ILE A 103 9.33 14.81 6.39
CA ILE A 103 8.49 13.72 6.90
C ILE A 103 8.84 12.37 6.25
N PRO A 104 9.38 11.41 7.05
CA PRO A 104 9.74 10.09 6.55
C PRO A 104 8.56 9.35 5.90
N SER A 105 7.35 9.56 6.43
CA SER A 105 6.13 8.91 5.92
C SER A 105 5.70 9.42 4.53
N SER A 106 5.01 8.56 3.78
CA SER A 106 4.61 8.89 2.42
C SER A 106 3.09 8.79 2.19
N HIS A 107 2.58 9.56 1.25
CA HIS A 107 1.14 9.60 1.00
C HIS A 107 0.79 9.56 -0.48
N ASN A 108 -0.29 8.85 -0.80
CA ASN A 108 -0.75 8.73 -2.17
C ASN A 108 -1.36 10.01 -2.68
N LEU A 109 -0.89 10.47 -3.84
CA LEU A 109 -1.45 11.61 -4.53
C LEU A 109 -2.48 11.17 -5.56
N MET A 110 -2.11 10.13 -6.32
CA MET A 110 -2.91 9.62 -7.43
C MET A 110 -2.79 8.10 -7.52
N LYS A 111 -3.85 7.46 -8.01
CA LYS A 111 -3.93 6.00 -8.08
C LYS A 111 -4.74 5.57 -9.32
N GLY A 112 -4.22 4.57 -10.04
CA GLY A 112 -4.92 4.03 -11.20
C GLY A 112 -4.66 2.55 -11.43
N GLY A 113 -5.48 1.93 -12.27
CA GLY A 113 -5.32 0.53 -12.61
C GLY A 113 -6.61 -0.26 -12.76
N SER A 114 -6.47 -1.58 -12.88
CA SER A 114 -7.60 -2.47 -13.13
C SER A 114 -7.30 -3.89 -12.69
N THR A 115 -8.31 -4.62 -12.25
CA THR A 115 -8.17 -6.07 -12.10
C THR A 115 -8.28 -6.72 -13.47
N LYS A 116 -7.47 -7.76 -13.71
CA LYS A 116 -7.42 -8.41 -15.01
C LYS A 116 -7.45 -9.93 -14.89
N ASN A 117 -7.82 -10.58 -15.98
CA ASN A 117 -7.73 -12.02 -16.12
C ASN A 117 -6.90 -12.37 -17.35
N TRP A 118 -5.61 -12.57 -17.15
CA TRP A 118 -4.71 -12.85 -18.26
C TRP A 118 -4.38 -14.33 -18.38
N SER A 119 -5.35 -15.18 -18.02
CA SER A 119 -5.11 -16.62 -17.98
C SER A 119 -5.70 -17.34 -19.19
N GLY A 120 -6.21 -16.58 -20.15
CA GLY A 120 -6.72 -17.14 -21.40
C GLY A 120 -5.61 -17.78 -22.21
N ASN A 121 -5.93 -18.23 -23.43
CA ASN A 121 -4.98 -18.98 -24.23
C ASN A 121 -4.37 -18.24 -25.43
N SER A 122 -4.35 -16.90 -25.38
CA SER A 122 -3.66 -16.12 -26.40
C SER A 122 -2.22 -15.79 -25.98
N GLU A 123 -1.37 -15.54 -26.97
CA GLU A 123 0.08 -15.49 -26.73
C GLU A 123 0.57 -14.23 -26.03
N PHE A 124 -0.25 -13.18 -26.06
CA PHE A 124 0.17 -11.87 -25.56
C PHE A 124 -0.94 -11.15 -24.81
N HIS A 125 -0.56 -10.40 -23.79
CA HIS A 125 -1.49 -9.63 -22.98
C HIS A 125 -0.89 -8.27 -22.67
N PHE A 126 -1.71 -7.24 -22.72
CA PHE A 126 -1.26 -5.87 -22.57
C PHE A 126 -2.29 -5.03 -21.85
N TYR A 127 -1.81 -4.07 -21.06
CA TYR A 127 -2.66 -3.08 -20.38
C TYR A 127 -1.85 -1.87 -19.96
N SER A 128 -2.42 -0.67 -20.14
CA SER A 128 -1.74 0.56 -19.74
C SER A 128 -2.58 1.40 -18.80
N ILE A 129 -1.91 2.09 -17.86
CA ILE A 129 -2.57 3.02 -16.96
C ILE A 129 -2.03 4.45 -17.17
N ASN A 130 -2.94 5.41 -17.19
CA ASN A 130 -2.57 6.82 -17.20
C ASN A 130 -3.21 7.56 -16.03
N VAL A 131 -2.47 8.46 -15.41
CA VAL A 131 -2.99 9.34 -14.35
C VAL A 131 -2.34 10.72 -14.46
N GLY A 132 -3.03 11.74 -13.96
CA GLY A 132 -2.53 13.10 -13.96
C GLY A 132 -3.29 13.98 -12.99
N GLY A 133 -2.62 15.01 -12.48
CA GLY A 133 -3.27 15.97 -11.57
C GLY A 133 -2.41 17.18 -11.24
N PHE A 134 -3.06 18.19 -10.66
CA PHE A 134 -2.49 19.49 -10.37
C PHE A 134 -2.28 19.60 -8.85
N PHE A 135 -1.03 19.74 -8.42
CA PHE A 135 -0.68 19.71 -6.98
C PHE A 135 0.24 20.85 -6.56
N LYS A 136 0.03 21.32 -5.33
CA LYS A 136 0.90 22.32 -4.70
C LYS A 136 2.12 21.62 -4.10
N LEU A 137 3.32 21.99 -4.53
CA LEU A 137 4.52 21.31 -4.05
C LEU A 137 5.56 22.28 -3.50
N ARG A 138 6.13 21.90 -2.35
CA ARG A 138 7.19 22.67 -1.71
C ARG A 138 8.57 22.07 -2.00
N ALA A 139 9.57 22.93 -2.09
CA ALA A 139 10.96 22.48 -2.20
C ALA A 139 11.28 21.49 -1.09
N GLY A 140 11.90 20.38 -1.46
CA GLY A 140 12.22 19.34 -0.50
C GLY A 140 11.31 18.13 -0.63
N GLU A 141 10.12 18.34 -1.18
CA GLU A 141 9.17 17.26 -1.38
C GLU A 141 9.60 16.39 -2.55
N GLU A 142 9.29 15.09 -2.45
CA GLU A 142 9.70 14.11 -3.45
C GLU A 142 8.51 13.35 -4.03
N ILE A 143 8.53 13.14 -5.34
CA ILE A 143 7.49 12.38 -6.01
C ILE A 143 8.10 11.06 -6.49
N SER A 144 7.34 9.98 -6.34
CA SER A 144 7.81 8.66 -6.75
C SER A 144 6.66 7.74 -7.15
N ILE A 145 6.99 6.67 -7.84
CA ILE A 145 6.02 5.76 -8.45
C ILE A 145 6.07 4.36 -7.82
N GLN A 146 4.89 3.81 -7.54
CA GLN A 146 4.79 2.43 -7.08
C GLN A 146 3.96 1.62 -8.06
N VAL A 147 4.39 0.39 -8.35
CA VAL A 147 3.64 -0.50 -9.24
C VAL A 147 3.44 -1.86 -8.61
N SER A 148 2.36 -2.54 -8.99
CA SER A 148 1.96 -3.80 -8.34
C SER A 148 2.75 -5.00 -8.85
N ASN A 149 2.93 -5.09 -10.16
CA ASN A 149 3.57 -6.27 -10.73
C ASN A 149 4.78 -5.87 -11.58
N PRO A 150 5.93 -5.67 -10.91
CA PRO A 150 7.14 -5.13 -11.54
C PRO A 150 7.64 -5.97 -12.72
N SER A 151 7.53 -7.29 -12.64
CA SER A 151 8.01 -8.16 -13.70
C SER A 151 7.10 -8.19 -14.93
N LEU A 152 5.99 -7.44 -14.86
CA LEU A 152 5.11 -7.28 -16.00
C LEU A 152 5.29 -5.95 -16.71
N LEU A 153 6.17 -5.09 -16.16
CA LEU A 153 6.41 -3.75 -16.70
C LEU A 153 7.00 -3.71 -18.11
N ASP A 154 6.43 -2.85 -18.95
CA ASP A 154 6.93 -2.63 -20.30
C ASP A 154 8.14 -1.68 -20.23
N PRO A 155 9.31 -2.13 -20.70
CA PRO A 155 10.52 -1.32 -20.58
C PRO A 155 10.70 -0.21 -21.63
N ASP A 156 9.74 -0.06 -22.56
CA ASP A 156 9.82 0.95 -23.61
C ASP A 156 9.65 2.38 -23.09
N GLN A 157 10.36 3.32 -23.69
CA GLN A 157 10.35 4.71 -23.21
C GLN A 157 9.04 5.43 -23.51
N ASP A 158 8.34 4.96 -24.54
CA ASP A 158 7.04 5.51 -24.89
C ASP A 158 5.93 4.92 -24.02
N ALA A 159 6.30 3.95 -23.19
CA ALA A 159 5.34 3.10 -22.47
C ALA A 159 5.25 3.41 -20.98
N THR A 160 6.39 3.40 -20.30
CA THR A 160 6.44 3.55 -18.86
C THR A 160 7.25 4.79 -18.47
N TYR A 161 6.55 5.84 -18.06
CA TYR A 161 7.17 7.12 -17.75
C TYR A 161 6.32 7.94 -16.78
N PHE A 162 6.95 8.93 -16.16
CA PHE A 162 6.23 9.92 -15.36
C PHE A 162 6.94 11.25 -15.38
N GLY A 163 6.19 12.31 -15.14
CA GLY A 163 6.74 13.65 -15.21
C GLY A 163 6.00 14.70 -14.42
N ALA A 164 6.53 15.91 -14.46
CA ALA A 164 5.97 17.05 -13.76
C ALA A 164 6.39 18.30 -14.49
N PHE A 165 5.58 19.34 -14.45
CA PHE A 165 6.00 20.65 -14.93
C PHE A 165 5.28 21.74 -14.15
N LYS A 166 6.00 22.82 -13.87
CA LYS A 166 5.45 23.92 -13.09
C LYS A 166 4.51 24.79 -13.92
N VAL A 167 3.37 25.13 -13.34
CA VAL A 167 2.36 25.93 -14.01
C VAL A 167 2.37 27.36 -13.47
N GLN A 168 2.44 27.49 -12.15
CA GLN A 168 2.45 28.82 -11.51
C GLN A 168 3.09 28.82 -10.13
N ASP A 169 3.45 30.02 -9.65
CA ASP A 169 4.07 30.23 -8.35
C ASP A 169 3.03 30.12 -7.23
N ILE A 170 3.50 30.02 -5.98
CA ILE A 170 2.63 29.85 -4.81
C ILE A 170 1.80 31.10 -4.48
N ASP A 171 2.48 32.21 -4.18
CA ASP A 171 1.83 33.48 -3.80
C ASP A 171 0.94 33.37 -2.55
N PRO B 32 22.48 27.35 19.81
CA PRO B 32 22.25 25.93 19.55
C PRO B 32 20.94 25.45 20.15
N CYS B 33 20.16 24.70 19.36
CA CYS B 33 18.87 24.16 19.80
C CYS B 33 18.53 22.79 19.21
N THR B 34 17.66 22.06 19.91
CA THR B 34 17.31 20.67 19.57
C THR B 34 16.34 20.59 18.40
N GLN B 35 16.47 19.53 17.59
CA GLN B 35 15.61 19.30 16.43
C GLN B 35 14.22 18.79 16.84
N GLU B 36 14.04 18.48 18.11
CA GLU B 36 12.78 17.92 18.63
C GLU B 36 11.60 18.89 18.50
N ARG B 37 11.77 20.09 19.06
CA ARG B 37 10.70 21.08 19.10
C ARG B 37 11.02 22.33 18.28
N HIS B 38 12.21 22.35 17.67
CA HIS B 38 12.69 23.55 16.97
C HIS B 38 13.24 23.27 15.56
N TYR B 39 13.34 24.33 14.76
CA TYR B 39 13.98 24.29 13.44
C TYR B 39 14.64 25.64 13.15
N GLU B 40 15.70 25.62 12.35
CA GLU B 40 16.35 26.87 11.92
C GLU B 40 15.86 27.31 10.54
N HIS B 41 15.88 28.62 10.30
CA HIS B 41 15.37 29.18 9.04
C HIS B 41 16.25 30.32 8.50
N LEU B 42 16.03 31.52 9.01
CA LEU B 42 16.77 32.70 8.56
C LEU B 42 17.83 33.08 9.59
N GLY B 43 18.72 32.15 9.88
CA GLY B 43 19.73 32.32 10.92
C GLY B 43 19.11 32.45 12.30
N ARG B 44 17.92 31.86 12.46
CA ARG B 44 17.15 31.95 13.70
C ARG B 44 16.63 30.59 14.11
N CYS B 45 16.59 30.35 15.42
CA CYS B 45 16.00 29.14 15.98
C CYS B 45 14.51 29.36 16.24
N CYS B 46 13.66 28.70 15.44
CA CYS B 46 12.22 28.88 15.51
C CYS B 46 11.53 27.62 16.03
N SER B 47 10.34 27.79 16.61
CA SER B 47 9.62 26.67 17.22
C SER B 47 8.66 25.97 16.26
N ARG B 48 8.70 24.64 16.28
CA ARG B 48 7.84 23.82 15.44
C ARG B 48 6.39 23.86 15.93
N CYS B 49 5.46 23.38 15.10
CA CYS B 49 4.04 23.33 15.47
C CYS B 49 3.67 22.01 16.17
N GLU B 50 2.89 22.13 17.23
CA GLU B 50 2.43 20.96 18.00
C GLU B 50 1.44 20.11 17.20
N PRO B 51 1.40 18.80 17.47
CA PRO B 51 0.40 17.95 16.83
C PRO B 51 -1.00 18.54 17.00
N GLY B 52 -1.77 18.56 15.91
CA GLY B 52 -3.09 19.19 15.91
C GLY B 52 -3.06 20.55 15.24
N LYS B 53 -1.85 21.04 14.97
CA LYS B 53 -1.66 22.35 14.36
C LYS B 53 -0.69 22.28 13.18
N TYR B 54 -0.91 23.13 12.18
CA TYR B 54 0.00 23.24 11.04
C TYR B 54 0.72 24.58 11.02
N LEU B 55 1.82 24.64 10.27
CA LEU B 55 2.60 25.87 10.13
C LEU B 55 1.98 26.82 9.11
N SER B 56 1.21 27.78 9.62
CA SER B 56 0.50 28.76 8.78
C SER B 56 1.44 29.72 8.08
N SER B 57 2.40 30.26 8.81
CA SER B 57 3.47 31.05 8.21
C SER B 57 4.79 30.85 8.96
N LYS B 58 5.88 30.76 8.20
CA LYS B 58 7.22 30.58 8.75
C LYS B 58 7.62 31.77 9.61
N CYS B 59 8.60 31.57 10.49
CA CYS B 59 9.12 32.65 11.32
C CYS B 59 9.82 33.71 10.47
N THR B 60 9.48 34.97 10.75
CA THR B 60 10.09 36.12 10.08
C THR B 60 11.32 36.59 10.89
N PRO B 61 12.02 37.64 10.45
CA PRO B 61 13.08 38.17 11.30
C PRO B 61 12.56 38.87 12.58
N THR B 62 11.26 39.13 12.66
CA THR B 62 10.67 39.86 13.78
C THR B 62 9.67 39.07 14.63
N SER B 63 9.15 37.97 14.09
CA SER B 63 8.23 37.11 14.87
C SER B 63 8.54 35.62 14.71
N ASP B 64 7.97 34.82 15.61
CA ASP B 64 8.14 33.38 15.58
C ASP B 64 7.12 32.75 14.65
N SER B 65 7.13 31.41 14.59
CA SER B 65 6.22 30.63 13.78
C SER B 65 4.77 30.93 14.13
N VAL B 66 3.90 30.84 13.15
CA VAL B 66 2.47 30.92 13.39
C VAL B 66 1.83 29.54 13.11
N CYS B 67 1.22 28.96 14.14
CA CYS B 67 0.60 27.64 14.02
C CYS B 67 -0.90 27.70 14.22
N LEU B 68 -1.64 27.08 13.30
CA LEU B 68 -3.10 27.09 13.32
C LEU B 68 -3.67 25.68 13.43
N PRO B 69 -4.82 25.52 14.13
CA PRO B 69 -5.44 24.20 14.26
C PRO B 69 -5.84 23.58 12.93
N CYS B 70 -5.67 22.26 12.83
CA CYS B 70 -6.11 21.48 11.69
C CYS B 70 -7.63 21.57 11.50
N GLY B 71 -8.06 21.75 10.26
CA GLY B 71 -9.49 21.82 9.92
C GLY B 71 -10.25 20.52 10.15
N PRO B 72 -11.57 20.53 9.91
CA PRO B 72 -12.40 19.33 10.09
C PRO B 72 -11.88 18.11 9.32
N ASP B 73 -11.79 16.97 10.00
CA ASP B 73 -11.40 15.68 9.41
C ASP B 73 -9.93 15.61 8.98
N GLU B 74 -9.13 16.56 9.45
CA GLU B 74 -7.70 16.60 9.14
C GLU B 74 -6.84 16.41 10.38
N TYR B 75 -5.60 15.97 10.19
CA TYR B 75 -4.71 15.69 11.31
C TYR B 75 -3.24 15.93 10.97
N LEU B 76 -2.44 16.11 12.02
CA LEU B 76 -0.98 16.01 11.98
C LEU B 76 -0.54 15.42 13.30
N ASP B 77 0.25 14.35 13.24
CA ASP B 77 0.54 13.54 14.43
C ASP B 77 1.90 13.79 15.09
N THR B 78 2.65 14.76 14.55
CA THR B 78 4.00 15.06 15.02
C THR B 78 4.25 16.56 15.20
N TRP B 79 5.38 16.90 15.80
CA TRP B 79 5.84 18.29 15.86
C TRP B 79 6.42 18.66 14.51
N ASN B 80 5.77 19.61 13.83
CA ASN B 80 5.96 19.77 12.39
C ASN B 80 6.22 21.18 11.86
N GLU B 81 6.71 21.23 10.62
CA GLU B 81 6.86 22.48 9.87
C GLU B 81 5.93 22.42 8.65
N GLU B 82 4.81 21.72 8.81
CA GLU B 82 3.96 21.36 7.69
C GLU B 82 3.06 22.48 7.15
N ASP B 83 3.13 22.63 5.83
CA ASP B 83 2.33 23.55 5.05
C ASP B 83 0.84 23.42 5.34
N LYS B 84 0.33 22.18 5.32
CA LYS B 84 -1.09 21.88 5.53
C LYS B 84 -1.30 20.50 6.17
N CYS B 85 -2.48 20.29 6.76
CA CYS B 85 -2.78 19.04 7.48
C CYS B 85 -3.14 17.90 6.53
N LEU B 86 -2.99 16.67 7.03
CA LEU B 86 -3.35 15.46 6.28
C LEU B 86 -4.81 15.06 6.49
N LEU B 87 -5.47 14.66 5.41
CA LEU B 87 -6.84 14.16 5.46
C LEU B 87 -6.87 12.69 5.92
N HIS B 88 -7.76 12.36 6.85
CA HIS B 88 -7.91 10.98 7.32
C HIS B 88 -8.32 10.04 6.18
N LYS B 89 -7.78 8.83 6.19
CA LYS B 89 -8.16 7.81 5.20
C LYS B 89 -9.62 7.40 5.40
N VAL B 90 -10.26 6.96 4.31
CA VAL B 90 -11.63 6.47 4.39
C VAL B 90 -11.61 4.97 4.70
N CYS B 91 -12.30 4.55 5.76
CA CYS B 91 -12.49 3.13 5.98
C CYS B 91 -13.70 2.67 5.16
N ASP B 92 -13.48 2.51 3.85
CA ASP B 92 -14.52 2.19 2.89
C ASP B 92 -15.12 0.80 3.14
N ALA B 93 -16.39 0.75 3.53
CA ALA B 93 -17.10 -0.52 3.68
C ALA B 93 -17.15 -1.30 2.35
N GLY B 94 -17.15 -0.57 1.24
CA GLY B 94 -17.11 -1.15 -0.10
C GLY B 94 -15.80 -1.84 -0.42
N LYS B 95 -14.79 -1.64 0.42
CA LYS B 95 -13.52 -2.34 0.33
C LYS B 95 -13.41 -3.38 1.45
N ALA B 96 -14.51 -3.58 2.17
CA ALA B 96 -14.58 -4.46 3.35
C ALA B 96 -13.78 -3.92 4.54
N LEU B 97 -13.64 -2.60 4.61
CA LEU B 97 -12.91 -1.97 5.71
C LEU B 97 -13.84 -1.42 6.78
N VAL B 98 -13.31 -1.31 7.99
CA VAL B 98 -14.03 -0.73 9.13
C VAL B 98 -13.06 -0.05 10.09
N ALA B 99 -13.48 1.08 10.64
CA ALA B 99 -12.66 1.82 11.58
C ALA B 99 -12.60 1.08 12.91
N VAL B 100 -11.39 0.83 13.38
CA VAL B 100 -11.17 0.30 14.71
C VAL B 100 -10.80 1.44 15.65
N ASP B 101 -10.36 2.55 15.05
CA ASP B 101 -10.00 3.77 15.76
C ASP B 101 -10.27 4.97 14.83
N PRO B 102 -11.18 5.89 15.23
CA PRO B 102 -11.66 6.99 14.39
C PRO B 102 -10.61 8.04 14.04
N GLY B 103 -9.63 8.23 14.93
CA GLY B 103 -8.65 9.30 14.78
C GLY B 103 -9.18 10.65 15.22
N ASN B 104 -8.30 11.64 15.26
CA ASN B 104 -8.69 13.02 15.55
C ASN B 104 -7.71 13.99 14.89
N HIS B 105 -7.68 15.23 15.36
CA HIS B 105 -6.75 16.23 14.82
C HIS B 105 -5.30 15.90 15.16
N THR B 106 -5.12 14.94 16.04
CA THR B 106 -3.81 14.55 16.54
C THR B 106 -3.37 13.14 16.12
N ALA B 107 -4.33 12.27 15.84
CA ALA B 107 -4.05 10.87 15.53
C ALA B 107 -4.70 10.41 14.22
N PRO B 108 -4.01 9.53 13.46
CA PRO B 108 -4.58 8.97 12.24
C PRO B 108 -5.71 8.01 12.52
N ARG B 109 -6.57 7.81 11.53
CA ARG B 109 -7.65 6.82 11.60
C ARG B 109 -7.08 5.43 11.34
N ARG B 110 -7.60 4.42 12.04
CA ARG B 110 -7.17 3.04 11.85
C ARG B 110 -8.29 2.18 11.29
N CYS B 111 -8.03 1.52 10.17
CA CYS B 111 -9.01 0.63 9.56
C CYS B 111 -8.57 -0.83 9.69
N ALA B 112 -9.53 -1.75 9.55
CA ALA B 112 -9.26 -3.19 9.49
C ALA B 112 -10.23 -3.89 8.55
N CYS B 113 -9.80 -5.00 7.95
CA CYS B 113 -10.69 -5.83 7.15
C CYS B 113 -11.68 -6.57 8.04
N THR B 114 -12.94 -6.54 7.64
CA THR B 114 -14.02 -7.24 8.35
C THR B 114 -13.84 -8.77 8.32
N ALA B 115 -14.53 -9.48 9.21
CA ALA B 115 -14.34 -10.93 9.42
C ALA B 115 -14.23 -11.73 8.13
N GLY B 116 -13.26 -12.65 8.07
CA GLY B 116 -13.09 -13.50 6.90
C GLY B 116 -12.07 -12.98 5.91
N TYR B 117 -11.62 -11.74 6.11
CA TYR B 117 -10.63 -11.12 5.22
C TYR B 117 -9.48 -10.52 6.01
N HIS B 118 -8.38 -10.27 5.31
CA HIS B 118 -7.19 -9.68 5.90
C HIS B 118 -6.58 -8.68 4.93
N TRP B 119 -5.91 -7.65 5.46
CA TRP B 119 -5.27 -6.64 4.63
C TRP B 119 -4.04 -7.18 3.93
N ASN B 120 -3.94 -6.91 2.64
CA ASN B 120 -2.82 -7.30 1.82
C ASN B 120 -2.21 -6.03 1.25
N SER B 121 -0.94 -5.78 1.55
CA SER B 121 -0.26 -4.55 1.13
C SER B 121 0.22 -4.55 -0.32
N ASP B 122 0.15 -5.70 -1.00
CA ASP B 122 0.42 -5.74 -2.43
C ASP B 122 -0.73 -5.17 -3.26
N CYS B 123 -1.94 -5.68 -3.04
CA CYS B 123 -3.13 -5.20 -3.75
C CYS B 123 -3.73 -3.98 -3.07
N GLU B 124 -3.20 -3.63 -1.90
CA GLU B 124 -3.82 -2.64 -1.00
C GLU B 124 -5.32 -2.90 -0.83
N CYS B 125 -5.66 -4.13 -0.50
CA CYS B 125 -7.05 -4.58 -0.48
C CYS B 125 -7.29 -5.75 0.50
N CYS B 126 -8.55 -5.97 0.86
CA CYS B 126 -8.94 -7.03 1.79
C CYS B 126 -9.14 -8.38 1.09
N ARG B 127 -8.14 -9.25 1.20
CA ARG B 127 -8.16 -10.56 0.55
C ARG B 127 -8.82 -11.63 1.41
N ARG B 128 -9.51 -12.55 0.74
CA ARG B 128 -10.17 -13.69 1.37
C ARG B 128 -9.13 -14.49 2.13
N ASN B 129 -9.49 -14.93 3.34
CA ASN B 129 -8.59 -15.72 4.16
C ASN B 129 -8.29 -17.08 3.56
N THR B 130 -7.10 -17.60 3.83
CA THR B 130 -6.69 -18.93 3.38
C THR B 130 -7.49 -20.00 4.11
N GLU B 131 -7.91 -21.03 3.38
CA GLU B 131 -8.65 -22.16 3.93
C GLU B 131 -7.71 -23.27 4.33
N CYS B 132 -8.01 -23.94 5.44
CA CYS B 132 -7.22 -25.08 5.89
C CYS B 132 -7.81 -26.36 5.32
N ALA B 133 -6.96 -27.14 4.65
CA ALA B 133 -7.38 -28.41 4.03
C ALA B 133 -7.79 -29.46 5.07
N PRO B 134 -8.45 -30.55 4.63
CA PRO B 134 -8.77 -31.62 5.59
C PRO B 134 -7.51 -32.18 6.23
N GLY B 135 -7.56 -32.42 7.54
CA GLY B 135 -6.38 -32.82 8.31
C GLY B 135 -5.73 -31.64 9.00
N PHE B 136 -6.16 -30.44 8.64
CA PHE B 136 -5.65 -29.20 9.21
C PHE B 136 -6.82 -28.36 9.73
N GLY B 137 -6.58 -27.61 10.80
CA GLY B 137 -7.59 -26.72 11.38
C GLY B 137 -7.11 -25.28 11.51
N ALA B 138 -8.06 -24.36 11.58
CA ALA B 138 -7.74 -22.94 11.74
C ALA B 138 -7.37 -22.67 13.18
N GLN B 139 -6.23 -22.02 13.39
CA GLN B 139 -5.75 -21.75 14.75
C GLN B 139 -6.59 -20.66 15.42
N HIS B 140 -6.93 -20.89 16.68
CA HIS B 140 -7.67 -19.90 17.49
C HIS B 140 -6.82 -19.35 18.64
N PRO B 141 -7.12 -18.12 19.10
CA PRO B 141 -8.13 -17.18 18.62
C PRO B 141 -7.81 -16.60 17.25
N LEU B 142 -8.84 -16.44 16.42
CA LEU B 142 -8.71 -15.83 15.09
C LEU B 142 -8.45 -14.33 15.22
N GLN B 143 -7.36 -13.87 14.62
CA GLN B 143 -6.94 -12.47 14.72
C GLN B 143 -7.64 -11.61 13.68
N LEU B 144 -8.24 -10.51 14.12
CA LEU B 144 -8.85 -9.55 13.20
C LEU B 144 -7.79 -8.96 12.26
N ASN B 145 -8.14 -8.83 10.99
CA ASN B 145 -7.29 -8.22 9.96
C ASN B 145 -6.02 -9.01 9.59
N LYS B 146 -5.95 -10.25 10.08
CA LYS B 146 -4.80 -11.11 9.81
C LYS B 146 -5.25 -12.45 9.20
N ASP B 147 -4.43 -12.99 8.32
CA ASP B 147 -4.77 -14.22 7.59
C ASP B 147 -4.73 -15.46 8.49
N THR B 148 -5.58 -16.43 8.17
CA THR B 148 -5.68 -17.68 8.92
C THR B 148 -4.37 -18.47 8.97
N VAL B 149 -4.05 -18.97 10.15
CA VAL B 149 -2.89 -19.85 10.34
C VAL B 149 -3.39 -21.28 10.46
N CYS B 150 -2.86 -22.18 9.63
CA CYS B 150 -3.29 -23.58 9.65
C CYS B 150 -2.35 -24.47 10.46
N THR B 151 -2.94 -25.40 11.20
CA THR B 151 -2.20 -26.37 12.03
C THR B 151 -2.76 -27.77 11.77
N PRO B 152 -1.87 -28.77 11.61
CA PRO B 152 -2.34 -30.16 11.50
C PRO B 152 -3.07 -30.64 12.75
N CYS B 153 -4.12 -31.44 12.56
CA CYS B 153 -4.91 -31.97 13.67
C CYS B 153 -4.11 -32.94 14.52
N LEU B 154 -4.26 -32.80 15.84
CA LEU B 154 -3.58 -33.67 16.79
C LEU B 154 -4.35 -34.98 17.00
N LEU B 155 -3.70 -35.94 17.67
CA LEU B 155 -4.31 -37.24 17.99
C LEU B 155 -5.68 -37.04 18.64
N GLY B 156 -6.68 -37.72 18.09
CA GLY B 156 -8.03 -37.69 18.65
C GLY B 156 -8.92 -36.61 18.06
N PHE B 157 -8.39 -35.88 17.08
CA PHE B 157 -9.11 -34.81 16.41
C PHE B 157 -9.03 -34.98 14.91
N PHE B 158 -10.00 -34.42 14.20
CA PHE B 158 -10.05 -34.53 12.75
C PHE B 158 -10.62 -33.29 12.10
N SER B 159 -10.34 -33.15 10.80
CA SER B 159 -10.95 -32.13 9.98
C SER B 159 -11.18 -32.71 8.59
N ASP B 160 -12.43 -32.65 8.14
CA ASP B 160 -12.84 -33.27 6.89
C ASP B 160 -13.32 -32.25 5.87
N VAL B 161 -13.04 -30.97 6.14
CA VAL B 161 -13.47 -29.87 5.28
C VAL B 161 -12.35 -28.87 5.00
N PHE B 162 -12.50 -28.12 3.90
CA PHE B 162 -11.70 -26.93 3.65
C PHE B 162 -12.41 -25.77 4.33
N SER B 163 -11.73 -25.10 5.24
CA SER B 163 -12.33 -23.99 5.98
C SER B 163 -11.26 -23.05 6.52
N SER B 164 -11.57 -21.75 6.49
CA SER B 164 -10.66 -20.74 7.01
C SER B 164 -10.97 -20.41 8.47
N THR B 165 -12.07 -20.96 8.99
CA THR B 165 -12.54 -20.65 10.35
C THR B 165 -12.60 -21.86 11.27
N ASP B 166 -12.88 -23.03 10.71
CA ASP B 166 -13.09 -24.24 11.50
C ASP B 166 -11.81 -24.80 12.08
N LYS B 167 -11.83 -25.02 13.39
CA LYS B 167 -10.77 -25.77 14.06
C LYS B 167 -10.97 -27.25 13.84
N CYS B 168 -9.99 -28.06 14.25
CA CYS B 168 -10.15 -29.51 14.25
C CYS B 168 -11.21 -29.88 15.29
N LYS B 169 -12.16 -30.70 14.89
CA LYS B 169 -13.19 -31.17 15.81
C LYS B 169 -12.78 -32.53 16.37
N PRO B 170 -13.13 -32.81 17.64
CA PRO B 170 -12.75 -34.09 18.26
C PRO B 170 -13.59 -35.25 17.76
N TRP B 171 -13.04 -36.46 17.82
CA TRP B 171 -13.77 -37.66 17.42
C TRP B 171 -15.06 -37.85 18.21
N THR B 172 -16.04 -38.49 17.59
CA THR B 172 -17.28 -38.82 18.25
C THR B 172 -17.01 -39.87 19.32
N ASN B 173 -17.74 -39.80 20.44
CA ASN B 173 -17.70 -40.84 21.45
C ASN B 173 -18.92 -41.72 21.28
N CYS B 174 -18.70 -42.92 20.74
CA CYS B 174 -19.79 -43.82 20.37
C CYS B 174 -20.77 -44.11 21.50
N THR B 175 -20.24 -44.16 22.72
CA THR B 175 -21.01 -44.43 23.92
C THR B 175 -22.15 -43.42 24.15
N LEU B 176 -21.95 -42.17 23.72
CA LEU B 176 -22.99 -41.14 23.79
C LEU B 176 -24.14 -41.42 22.82
N LEU B 177 -23.89 -42.24 21.81
CA LEU B 177 -24.90 -42.59 20.84
C LEU B 177 -25.50 -43.96 21.14
N GLY B 178 -25.04 -44.55 22.25
CA GLY B 178 -25.49 -45.89 22.66
C GLY B 178 -24.90 -46.98 21.80
N LYS B 179 -23.68 -46.75 21.32
CA LYS B 179 -23.04 -47.62 20.36
C LYS B 179 -21.59 -47.89 20.75
N LEU B 180 -20.91 -48.72 19.96
CA LEU B 180 -19.51 -49.06 20.22
C LEU B 180 -18.62 -48.60 19.08
N GLU B 181 -17.34 -48.36 19.38
CA GLU B 181 -16.37 -47.98 18.37
C GLU B 181 -16.03 -49.18 17.50
N ALA B 182 -16.43 -49.13 16.23
CA ALA B 182 -16.13 -50.18 15.27
C ALA B 182 -14.72 -50.01 14.70
N HIS B 183 -14.46 -48.85 14.12
CA HIS B 183 -13.17 -48.52 13.53
C HIS B 183 -12.74 -47.12 13.98
N GLN B 184 -11.45 -46.95 14.21
CA GLN B 184 -10.92 -45.69 14.72
C GLN B 184 -10.85 -44.61 13.63
N GLY B 185 -10.83 -43.35 14.04
CA GLY B 185 -10.75 -42.24 13.09
C GLY B 185 -9.34 -41.85 12.70
N THR B 186 -9.23 -40.94 11.75
CA THR B 186 -7.94 -40.38 11.34
C THR B 186 -7.93 -38.89 11.65
N THR B 187 -6.99 -38.14 11.08
CA THR B 187 -7.02 -36.69 11.18
C THR B 187 -7.98 -36.12 10.13
N GLU B 188 -8.41 -36.96 9.19
CA GLU B 188 -9.26 -36.53 8.08
C GLU B 188 -10.69 -37.05 8.17
N SER B 189 -10.90 -38.09 8.98
CA SER B 189 -12.24 -38.66 9.13
C SER B 189 -12.56 -39.02 10.58
N ASP B 190 -13.86 -39.06 10.87
CA ASP B 190 -14.35 -39.39 12.21
C ASP B 190 -14.32 -40.90 12.46
N VAL B 191 -14.55 -41.25 13.73
CA VAL B 191 -14.74 -42.63 14.18
C VAL B 191 -16.04 -43.18 13.58
N VAL B 192 -16.09 -44.49 13.35
CA VAL B 192 -17.35 -45.13 12.98
C VAL B 192 -17.95 -45.95 14.14
N CYS B 193 -19.20 -45.64 14.47
CA CYS B 193 -19.89 -46.27 15.58
C CYS B 193 -20.78 -47.41 15.10
N SER B 194 -20.79 -48.49 15.88
CA SER B 194 -21.62 -49.65 15.58
C SER B 194 -22.55 -49.99 16.74
N SER B 195 -23.78 -50.37 16.39
CA SER B 195 -24.75 -50.89 17.35
C SER B 195 -24.76 -52.41 17.25
N SER B 196 -23.87 -53.06 17.99
CA SER B 196 -23.74 -54.52 17.97
C SER B 196 -24.28 -55.13 19.27
N MET B 197 -24.16 -56.46 19.39
CA MET B 197 -24.56 -57.16 20.62
C MET B 197 -23.68 -58.39 20.87
CL CL C . 16.43 7.13 -10.61
CL CL D . 19.79 9.10 -18.41
CL CL E . -1.90 19.63 -3.33
NA NA F . -9.81 -28.03 7.70
CL CL G . -5.68 8.53 8.58
#